data_1XGD
#
_entry.id   1XGD
#
_cell.length_a   64.180
_cell.length_b   64.180
_cell.length_c   176.633
_cell.angle_alpha   90.00
_cell.angle_beta   90.00
_cell.angle_gamma   90.00
#
_symmetry.space_group_name_H-M   'P 43 21 2'
#
loop_
_entity.id
_entity.type
_entity.pdbx_description
1 polymer 'Aldose reductase'
2 water water
#
_entity_poly.entity_id   1
_entity_poly.type   'polypeptide(L)'
_entity_poly.pdbx_seq_one_letter_code
;ASRLLLNNGAKMPILGLGTWKSPPGQVTEAVKVAIDVGYRHIDCAHVYQNENEVGVAIQEKLREQVVKREELFIVSKLWC
TYHEKGLVKGACQKTLSDLKLDYLDLYLIHWPTGFKPGKEFFPLDESGNVVPSDTNILDTWAAMEELVDEGLVKAIGISN
FNHLQVEMILNKPGLKYKPAVNQIECHPYLTQEKLIQYCQSKGIVVTAYSPLGSPDRPWAKPEDPSLLEDPRIKAIAAKH
NKTTAQVLIRFPMQRNLVVIPKSVTPEAIAENFKVFDFELSSQDMTTLLSYNRNWRVCALLSCTSHKDYPFHEEF
;
_entity_poly.pdbx_strand_id   A
#
# COMPACT_ATOMS: atom_id res chain seq x y z
N ALA A 1 5.83 -17.19 9.17
CA ALA A 1 4.73 -16.27 8.73
C ALA A 1 5.21 -14.82 8.68
N SER A 2 6.41 -14.61 8.14
CA SER A 2 6.91 -13.25 7.94
C SER A 2 7.06 -12.88 6.46
N ARG A 3 6.73 -13.82 5.57
CA ARG A 3 6.54 -13.54 4.14
C ARG A 3 5.31 -14.24 3.60
N LEU A 4 4.67 -13.62 2.61
CA LEU A 4 3.56 -14.26 1.90
C LEU A 4 3.94 -14.57 0.45
N LEU A 5 3.48 -15.70 -0.05
CA LEU A 5 3.78 -16.14 -1.41
C LEU A 5 2.86 -15.45 -2.42
N LEU A 6 3.44 -14.83 -3.44
CA LEU A 6 2.66 -14.22 -4.51
C LEU A 6 2.42 -15.22 -5.65
N ASN A 7 1.56 -14.86 -6.59
CA ASN A 7 1.24 -15.79 -7.68
C ASN A 7 2.29 -15.84 -8.77
N ASN A 8 3.37 -15.08 -8.60
CA ASN A 8 4.53 -15.22 -9.46
C ASN A 8 5.60 -16.10 -8.83
N GLY A 9 5.31 -16.64 -7.65
CA GLY A 9 6.26 -17.47 -6.94
C GLY A 9 7.22 -16.72 -6.02
N ALA A 10 7.16 -15.40 -5.99
CA ALA A 10 8.02 -14.62 -5.10
C ALA A 10 7.39 -14.51 -3.72
N LYS A 11 8.23 -14.28 -2.71
CA LYS A 11 7.74 -14.07 -1.35
C LYS A 11 7.87 -12.62 -0.95
N MET A 12 6.79 -12.09 -0.41
CA MET A 12 6.68 -10.68 -0.06
C MET A 12 6.64 -10.55 1.46
N PRO A 13 7.60 -9.82 2.05
CA PRO A 13 7.59 -9.57 3.50
C PRO A 13 6.27 -8.95 3.98
N ILE A 14 5.73 -9.50 5.06
CA ILE A 14 4.40 -9.16 5.54
C ILE A 14 4.35 -7.78 6.21
N LEU A 15 5.52 -7.25 6.54
CA LEU A 15 5.64 -5.89 7.07
C LEU A 15 6.43 -5.02 6.11
N GLY A 16 5.85 -3.89 5.73
CA GLY A 16 6.54 -2.98 4.85
C GLY A 16 6.74 -1.61 5.48
N LEU A 17 7.86 -0.98 5.14
CA LEU A 17 8.12 0.41 5.51
C LEU A 17 7.40 1.33 4.53
N GLY A 18 6.52 2.18 5.04
CA GLY A 18 5.89 3.18 4.19
C GLY A 18 6.75 4.43 4.09
N THR A 19 6.75 5.06 2.92
CA THR A 19 7.46 6.32 2.73
C THR A 19 6.47 7.43 2.44
N TRP A 20 5.19 7.10 2.52
CA TRP A 20 4.11 8.07 2.45
C TRP A 20 4.23 9.11 3.58
N LYS A 21 4.18 10.39 3.20
CA LYS A 21 4.25 11.49 4.16
C LYS A 21 5.58 11.56 4.92
N SER A 22 6.57 10.85 4.43
CA SER A 22 7.95 11.03 4.89
C SER A 22 8.60 12.10 4.01
N PRO A 23 9.04 13.22 4.61
CA PRO A 23 9.65 14.32 3.84
C PRO A 23 11.03 13.96 3.28
N PRO A 24 11.34 14.46 2.07
CA PRO A 24 12.58 14.08 1.37
C PRO A 24 13.86 14.32 2.19
N GLY A 25 13.84 15.36 3.02
CA GLY A 25 14.98 15.67 3.88
C GLY A 25 15.19 14.68 5.01
N GLN A 26 14.17 13.90 5.31
CA GLN A 26 14.25 12.96 6.42
C GLN A 26 14.22 11.50 6.01
N VAL A 27 13.76 11.24 4.79
CA VAL A 27 13.46 9.88 4.36
C VAL A 27 14.69 9.00 4.10
N THR A 28 15.80 9.59 3.65
CA THR A 28 17.03 8.82 3.49
C THR A 28 17.49 8.21 4.83
N GLU A 29 17.43 9.02 5.89
CA GLU A 29 17.84 8.56 7.23
C GLU A 29 16.84 7.56 7.77
N ALA A 30 15.56 7.78 7.47
CA ALA A 30 14.51 6.88 7.94
C ALA A 30 14.63 5.49 7.31
N VAL A 31 14.97 5.44 6.03
CA VAL A 31 15.11 4.17 5.33
C VAL A 31 16.38 3.42 5.77
N LYS A 32 17.46 4.15 5.99
CA LYS A 32 18.70 3.55 6.49
C LYS A 32 18.49 2.88 7.85
N VAL A 33 17.81 3.60 8.74
CA VAL A 33 17.49 3.08 10.06
C VAL A 33 16.61 1.84 9.94
N ALA A 34 15.61 1.92 9.06
CA ALA A 34 14.68 0.81 8.85
C ALA A 34 15.37 -0.46 8.39
N ILE A 35 16.31 -0.34 7.47
CA ILE A 35 17.04 -1.50 6.98
C ILE A 35 17.96 -2.08 8.06
N ASP A 36 18.55 -1.22 8.88
CA ASP A 36 19.34 -1.67 10.03
C ASP A 36 18.50 -2.41 11.07
N VAL A 37 17.30 -1.92 11.32
CA VAL A 37 16.35 -2.58 12.24
C VAL A 37 15.92 -3.95 11.71
N GLY A 38 15.75 -4.07 10.40
CA GLY A 38 15.42 -5.35 9.81
C GLY A 38 14.33 -5.31 8.76
N TYR A 39 13.90 -4.12 8.35
CA TYR A 39 12.88 -4.01 7.29
C TYR A 39 13.50 -4.42 5.95
N ARG A 40 12.75 -5.16 5.15
CA ARG A 40 13.23 -5.59 3.84
C ARG A 40 12.25 -5.21 2.72
N HIS A 41 11.02 -4.89 3.11
CA HIS A 41 9.98 -4.47 2.17
C HIS A 41 9.81 -2.95 2.32
N ILE A 42 10.02 -2.21 1.25
CA ILE A 42 9.79 -0.77 1.31
C ILE A 42 8.87 -0.30 0.21
N ASP A 43 7.85 0.45 0.62
CA ASP A 43 6.72 0.82 -0.23
C ASP A 43 6.87 2.28 -0.64
N CYS A 44 7.02 2.52 -1.94
CA CYS A 44 7.22 3.87 -2.47
C CYS A 44 6.11 4.27 -3.44
N ALA A 45 6.18 5.50 -3.92
CA ALA A 45 5.32 5.96 -5.01
C ALA A 45 5.89 7.25 -5.57
N HIS A 46 5.71 7.45 -6.87
CA HIS A 46 6.21 8.64 -7.54
C HIS A 46 5.59 9.92 -6.96
N VAL A 47 4.31 9.83 -6.61
CA VAL A 47 3.56 10.98 -6.14
C VAL A 47 3.99 11.45 -4.74
N TYR A 48 4.73 10.61 -4.01
CA TYR A 48 5.30 11.01 -2.71
C TYR A 48 6.46 11.99 -2.91
N GLN A 49 7.01 12.02 -4.12
CA GLN A 49 8.10 12.92 -4.47
C GLN A 49 9.35 12.79 -3.62
N ASN A 50 9.64 11.57 -3.16
CA ASN A 50 10.81 11.34 -2.32
C ASN A 50 11.56 10.07 -2.73
N GLU A 51 11.31 9.59 -3.96
CA GLU A 51 11.86 8.31 -4.40
C GLU A 51 13.37 8.35 -4.57
N ASN A 52 13.88 9.52 -4.96
CA ASN A 52 15.32 9.70 -5.10
C ASN A 52 16.05 9.55 -3.77
N GLU A 53 15.45 10.11 -2.72
CA GLU A 53 16.04 10.03 -1.39
C GLU A 53 15.95 8.63 -0.80
N VAL A 54 14.89 7.92 -1.14
CA VAL A 54 14.78 6.50 -0.79
C VAL A 54 15.88 5.69 -1.47
N GLY A 55 16.18 6.04 -2.73
CA GLY A 55 17.21 5.33 -3.48
C GLY A 55 18.60 5.47 -2.93
N VAL A 56 18.94 6.67 -2.46
CA VAL A 56 20.24 6.92 -1.84
C VAL A 56 20.46 5.99 -0.64
N ALA A 57 19.43 5.78 0.17
CA ALA A 57 19.52 4.95 1.35
C ALA A 57 19.73 3.49 0.99
N ILE A 58 19.02 3.03 -0.04
CA ILE A 58 19.08 1.64 -0.46
C ILE A 58 20.47 1.23 -0.94
N GLN A 59 21.09 2.04 -1.79
CA GLN A 59 22.36 1.64 -2.36
C GLN A 59 23.55 2.02 -1.46
N GLU A 60 23.28 2.81 -0.43
CA GLU A 60 24.24 2.97 0.67
C GLU A 60 24.31 1.67 1.47
N LYS A 61 23.15 1.10 1.79
CA LYS A 61 23.12 -0.12 2.57
C LYS A 61 23.51 -1.33 1.74
N LEU A 62 23.35 -1.26 0.42
CA LEU A 62 23.83 -2.31 -0.46
C LEU A 62 25.36 -2.26 -0.57
N ARG A 63 25.93 -1.05 -0.59
CA ARG A 63 27.38 -0.89 -0.58
C ARG A 63 27.99 -1.37 0.73
N GLU A 64 27.34 -1.05 1.84
CA GLU A 64 27.77 -1.49 3.17
C GLU A 64 27.64 -2.99 3.32
N GLN A 65 26.86 -3.59 2.42
CA GLN A 65 26.67 -5.04 2.41
C GLN A 65 25.88 -5.58 3.60
N VAL A 66 25.07 -4.72 4.22
CA VAL A 66 24.18 -5.20 5.28
C VAL A 66 22.99 -5.94 4.67
N VAL A 67 22.76 -5.72 3.38
CA VAL A 67 21.69 -6.38 2.66
C VAL A 67 22.07 -6.52 1.18
N LYS A 68 21.59 -7.57 0.55
CA LYS A 68 21.70 -7.74 -0.90
C LYS A 68 20.36 -7.40 -1.55
N ARG A 69 20.40 -7.04 -2.84
CA ARG A 69 19.19 -6.54 -3.49
C ARG A 69 18.10 -7.59 -3.64
N GLU A 70 18.50 -8.86 -3.67
CA GLU A 70 17.53 -9.94 -3.77
C GLU A 70 16.80 -10.18 -2.45
N GLU A 71 17.33 -9.60 -1.36
CA GLU A 71 16.65 -9.65 -0.07
C GLU A 71 15.62 -8.53 0.08
N LEU A 72 15.78 -7.48 -0.70
CA LEU A 72 14.88 -6.34 -0.67
C LEU A 72 13.63 -6.56 -1.53
N PHE A 73 12.48 -6.14 -1.02
CA PHE A 73 11.25 -6.14 -1.79
C PHE A 73 10.78 -4.70 -1.97
N ILE A 74 11.08 -4.14 -3.13
CA ILE A 74 10.79 -2.73 -3.41
C ILE A 74 9.53 -2.61 -4.26
N VAL A 75 8.56 -1.82 -3.80
CA VAL A 75 7.38 -1.56 -4.60
C VAL A 75 7.17 -0.08 -4.85
N SER A 76 6.67 0.25 -6.04
CA SER A 76 6.27 1.62 -6.35
C SER A 76 4.93 1.61 -7.06
N LYS A 77 4.43 2.79 -7.39
CA LYS A 77 3.06 2.92 -7.89
C LYS A 77 2.98 3.90 -9.05
N LEU A 78 2.18 3.54 -10.05
CA LEU A 78 1.93 4.39 -11.21
C LEU A 78 0.89 5.45 -10.85
N TRP A 79 1.25 6.72 -10.99
CA TRP A 79 0.31 7.79 -10.68
C TRP A 79 -0.74 7.94 -11.77
N CYS A 80 -1.85 8.58 -11.42
CA CYS A 80 -3.04 8.67 -12.27
C CYS A 80 -2.87 9.39 -13.61
N THR A 81 -1.92 10.31 -13.69
CA THR A 81 -1.71 11.07 -14.92
C THR A 81 -0.95 10.27 -15.97
N TYR A 82 -0.55 9.06 -15.62
CA TYR A 82 0.24 8.22 -16.52
C TYR A 82 -0.48 6.93 -16.92
N HIS A 83 -1.81 6.97 -16.96
CA HIS A 83 -2.61 5.79 -17.27
C HIS A 83 -2.64 5.48 -18.76
N GLU A 84 -2.39 6.48 -19.59
CA GLU A 84 -2.33 6.31 -21.05
C GLU A 84 -1.34 5.22 -21.43
N LYS A 85 -1.76 4.37 -22.37
CA LYS A 85 -1.00 3.19 -22.76
C LYS A 85 0.45 3.53 -23.12
N GLY A 86 0.64 4.64 -23.83
CA GLY A 86 1.97 5.04 -24.23
C GLY A 86 2.88 5.62 -23.16
N LEU A 87 2.35 5.92 -21.98
CA LEU A 87 3.10 6.65 -20.95
C LEU A 87 3.57 5.78 -19.78
N VAL A 88 2.98 4.60 -19.65
CA VAL A 88 3.24 3.73 -18.51
C VAL A 88 4.72 3.33 -18.39
N LYS A 89 5.34 2.99 -19.52
CA LYS A 89 6.73 2.58 -19.53
C LYS A 89 7.68 3.69 -19.02
N GLY A 90 7.46 4.92 -19.49
CA GLY A 90 8.33 6.01 -19.08
C GLY A 90 8.16 6.36 -17.61
N ALA A 91 6.93 6.25 -17.12
CA ALA A 91 6.66 6.48 -15.70
C ALA A 91 7.43 5.46 -14.87
N CYS A 92 7.44 4.22 -15.32
CA CYS A 92 8.16 3.18 -14.62
C CYS A 92 9.66 3.40 -14.64
N GLN A 93 10.17 3.84 -15.80
CA GLN A 93 11.59 4.07 -15.96
C GLN A 93 12.09 5.26 -15.14
N LYS A 94 11.27 6.31 -15.04
CA LYS A 94 11.54 7.43 -14.16
C LYS A 94 11.69 6.99 -12.68
N THR A 95 10.76 6.16 -12.21
CA THR A 95 10.80 5.67 -10.84
C THR A 95 12.06 4.84 -10.59
N LEU A 96 12.41 3.97 -11.55
CA LEU A 96 13.62 3.15 -11.47
C LEU A 96 14.89 4.01 -11.41
N SER A 97 14.88 5.08 -12.18
CA SER A 97 16.01 6.01 -12.22
C SER A 97 16.15 6.73 -10.88
N ASP A 98 15.01 7.19 -10.34
CA ASP A 98 14.98 7.84 -9.03
C ASP A 98 15.47 6.91 -7.92
N LEU A 99 14.95 5.69 -7.92
CA LEU A 99 15.32 4.69 -6.92
C LEU A 99 16.73 4.15 -7.14
N LYS A 100 17.30 4.41 -8.32
CA LYS A 100 18.59 3.86 -8.72
C LYS A 100 18.58 2.32 -8.73
N LEU A 101 17.50 1.74 -9.25
CA LEU A 101 17.36 0.29 -9.30
C LEU A 101 17.24 -0.21 -10.74
N ASP A 102 17.50 -1.48 -10.92
CA ASP A 102 17.38 -2.10 -12.24
C ASP A 102 15.97 -2.64 -12.47
N TYR A 103 15.34 -3.12 -11.40
CA TYR A 103 13.97 -3.63 -11.47
C TYR A 103 13.21 -3.33 -10.18
N LEU A 104 11.88 -3.34 -10.27
CA LEU A 104 11.03 -3.31 -9.08
C LEU A 104 10.48 -4.71 -8.82
N ASP A 105 10.27 -5.04 -7.55
CA ASP A 105 9.67 -6.32 -7.21
C ASP A 105 8.17 -6.33 -7.45
N LEU A 106 7.56 -5.15 -7.36
CA LEU A 106 6.13 -5.00 -7.57
C LEU A 106 5.82 -3.58 -8.00
N TYR A 107 4.92 -3.43 -8.96
CA TYR A 107 4.50 -2.11 -9.45
C TYR A 107 2.98 -2.08 -9.45
N LEU A 108 2.40 -1.08 -8.79
CA LEU A 108 0.96 -1.01 -8.56
C LEU A 108 0.36 0.10 -9.39
N ILE A 109 -0.86 -0.09 -9.88
CA ILE A 109 -1.66 1.04 -10.35
C ILE A 109 -2.23 1.73 -9.10
N HIS A 110 -1.86 2.99 -8.90
CA HIS A 110 -2.14 3.70 -7.64
C HIS A 110 -3.64 3.82 -7.37
N TRP A 111 -4.37 4.28 -8.37
CA TRP A 111 -5.83 4.44 -8.29
C TRP A 111 -6.40 3.97 -9.64
N PRO A 112 -7.66 3.49 -9.65
CA PRO A 112 -8.27 3.11 -10.93
C PRO A 112 -8.58 4.30 -11.84
N THR A 113 -8.52 5.50 -11.27
CA THR A 113 -8.90 6.73 -11.95
C THR A 113 -7.72 7.32 -12.73
N GLY A 114 -7.90 7.51 -14.04
CA GLY A 114 -6.88 8.17 -14.85
C GLY A 114 -7.17 9.64 -15.03
N PHE A 115 -6.15 10.48 -14.95
CA PHE A 115 -6.30 11.92 -15.13
C PHE A 115 -5.66 12.34 -16.45
N LYS A 116 -6.01 13.54 -16.92
CA LYS A 116 -5.33 14.14 -18.06
C LYS A 116 -3.82 14.22 -17.84
N PRO A 117 -3.02 13.73 -18.80
CA PRO A 117 -1.56 13.76 -18.71
C PRO A 117 -0.97 15.18 -18.63
N GLY A 118 0.24 15.28 -18.07
CA GLY A 118 0.86 16.58 -17.88
C GLY A 118 1.78 16.63 -16.69
N LYS A 119 2.22 17.83 -16.32
CA LYS A 119 3.12 18.01 -15.19
C LYS A 119 2.39 17.96 -13.85
N GLU A 120 1.16 18.47 -13.82
CA GLU A 120 0.32 18.48 -12.62
C GLU A 120 -0.08 17.08 -12.16
N PHE A 121 -0.01 16.83 -10.85
CA PHE A 121 -0.50 15.57 -10.29
C PHE A 121 -2.02 15.49 -10.34
N PHE A 122 -2.68 16.62 -10.10
CA PHE A 122 -4.12 16.75 -10.27
C PHE A 122 -4.38 17.87 -11.26
N PRO A 123 -4.55 17.52 -12.55
CA PRO A 123 -4.92 18.52 -13.55
C PRO A 123 -6.32 19.07 -13.30
N LEU A 124 -6.48 20.38 -13.48
CA LEU A 124 -7.72 21.05 -13.06
C LEU A 124 -8.44 21.82 -14.15
N ASP A 125 -9.77 21.82 -14.03
CA ASP A 125 -10.69 22.82 -14.59
C ASP A 125 -10.32 24.28 -14.35
N GLU A 126 -11.04 25.17 -15.04
CA GLU A 126 -11.09 26.57 -14.65
C GLU A 126 -11.96 26.76 -13.41
N SER A 127 -12.72 25.71 -13.07
CA SER A 127 -13.52 25.68 -11.84
C SER A 127 -12.87 24.77 -10.78
N GLY A 128 -11.63 24.34 -11.03
CA GLY A 128 -10.89 23.58 -10.03
C GLY A 128 -11.27 22.12 -9.88
N ASN A 129 -12.02 21.57 -10.84
CA ASN A 129 -12.37 20.14 -10.85
C ASN A 129 -11.28 19.32 -11.54
N VAL A 130 -11.00 18.14 -11.01
CA VAL A 130 -9.98 17.26 -11.58
C VAL A 130 -10.41 16.75 -12.95
N VAL A 131 -9.55 16.93 -13.95
CA VAL A 131 -9.85 16.53 -15.33
C VAL A 131 -9.50 15.06 -15.59
N PRO A 132 -10.52 14.22 -15.86
CA PRO A 132 -10.32 12.80 -16.16
C PRO A 132 -9.61 12.53 -17.50
N SER A 133 -8.89 11.41 -17.54
CA SER A 133 -8.44 10.82 -18.80
C SER A 133 -9.58 10.02 -19.42
N ASP A 134 -9.49 9.76 -20.72
CA ASP A 134 -10.49 8.91 -21.37
C ASP A 134 -10.06 7.45 -21.40
N THR A 135 -8.98 7.13 -20.69
CA THR A 135 -8.38 5.80 -20.74
C THR A 135 -9.16 4.73 -19.99
N ASN A 136 -9.05 3.50 -20.50
CA ASN A 136 -9.68 2.33 -19.91
C ASN A 136 -8.69 1.66 -18.97
N ILE A 137 -9.21 1.08 -17.88
CA ILE A 137 -8.40 0.28 -16.97
C ILE A 137 -7.67 -0.86 -17.71
N LEU A 138 -8.35 -1.45 -18.70
CA LEU A 138 -7.79 -2.58 -19.44
C LEU A 138 -6.62 -2.19 -20.33
N ASP A 139 -6.67 -0.96 -20.86
CA ASP A 139 -5.58 -0.45 -21.67
C ASP A 139 -4.33 -0.21 -20.84
N THR A 140 -4.48 0.39 -19.66
CA THR A 140 -3.31 0.61 -18.84
C THR A 140 -2.78 -0.69 -18.24
N TRP A 141 -3.66 -1.69 -18.10
CA TRP A 141 -3.18 -3.01 -17.68
C TRP A 141 -2.33 -3.70 -18.75
N ALA A 142 -2.73 -3.57 -20.01
CA ALA A 142 -1.91 -4.06 -21.12
C ALA A 142 -0.49 -3.50 -21.03
N ALA A 143 -0.37 -2.20 -20.78
CA ALA A 143 0.94 -1.55 -20.68
C ALA A 143 1.75 -2.02 -19.47
N MET A 144 1.06 -2.34 -18.38
CA MET A 144 1.70 -2.86 -17.19
C MET A 144 2.26 -4.26 -17.43
N GLU A 145 1.51 -5.08 -18.16
CA GLU A 145 1.95 -6.44 -18.52
C GLU A 145 3.23 -6.42 -19.33
N GLU A 146 3.36 -5.43 -20.21
CA GLU A 146 4.56 -5.26 -21.01
C GLU A 146 5.80 -5.06 -20.13
N LEU A 147 5.63 -4.39 -18.99
CA LEU A 147 6.72 -4.13 -18.08
C LEU A 147 7.29 -5.41 -17.48
N VAL A 148 6.42 -6.38 -17.21
CA VAL A 148 6.85 -7.70 -16.73
C VAL A 148 7.62 -8.45 -17.82
N ASP A 149 7.15 -8.33 -19.06
CA ASP A 149 7.78 -9.00 -20.20
C ASP A 149 9.16 -8.45 -20.49
N GLU A 150 9.31 -7.14 -20.34
CA GLU A 150 10.60 -6.49 -20.56
C GLU A 150 11.54 -6.61 -19.37
N GLY A 151 11.07 -7.22 -18.29
CA GLY A 151 11.93 -7.46 -17.14
C GLY A 151 12.14 -6.26 -16.22
N LEU A 152 11.31 -5.24 -16.40
CA LEU A 152 11.41 -4.03 -15.58
C LEU A 152 10.79 -4.20 -14.18
N VAL A 153 9.69 -4.95 -14.10
CA VAL A 153 9.06 -5.27 -12.81
C VAL A 153 8.81 -6.77 -12.72
N LYS A 154 8.85 -7.32 -11.52
CA LYS A 154 8.69 -8.76 -11.33
C LYS A 154 7.23 -9.17 -11.20
N ALA A 155 6.39 -8.24 -10.77
CA ALA A 155 4.98 -8.51 -10.61
C ALA A 155 4.26 -7.19 -10.72
N ILE A 156 3.00 -7.24 -11.11
CA ILE A 156 2.18 -6.05 -11.18
C ILE A 156 0.94 -6.24 -10.34
N GLY A 157 0.37 -5.13 -9.90
CA GLY A 157 -0.80 -5.18 -9.04
C GLY A 157 -1.54 -3.86 -9.08
N ILE A 158 -2.50 -3.72 -8.16
CA ILE A 158 -3.44 -2.61 -8.19
C ILE A 158 -3.61 -2.04 -6.77
N SER A 159 -4.17 -0.85 -6.68
CA SER A 159 -4.43 -0.24 -5.38
C SER A 159 -5.75 0.52 -5.39
N ASN A 160 -6.55 0.34 -4.33
CA ASN A 160 -7.84 1.00 -4.22
C ASN A 160 -8.83 0.60 -5.34
N PHE A 161 -8.77 -0.65 -5.78
CA PHE A 161 -9.74 -1.17 -6.76
C PHE A 161 -10.86 -1.92 -6.03
N ASN A 162 -12.11 -1.67 -6.40
CA ASN A 162 -13.21 -2.50 -5.89
C ASN A 162 -13.28 -3.83 -6.64
N HIS A 163 -14.09 -4.78 -6.15
CA HIS A 163 -14.02 -6.15 -6.66
C HIS A 163 -14.50 -6.28 -8.10
N LEU A 164 -15.38 -5.36 -8.52
CA LEU A 164 -15.83 -5.31 -9.91
C LEU A 164 -14.71 -4.86 -10.83
N GLN A 165 -13.85 -3.96 -10.34
CA GLN A 165 -12.71 -3.52 -11.11
C GLN A 165 -11.62 -4.60 -11.18
N VAL A 166 -11.52 -5.41 -10.14
CA VAL A 166 -10.63 -6.57 -10.18
C VAL A 166 -11.15 -7.63 -11.16
N GLU A 167 -12.45 -7.88 -11.13
CA GLU A 167 -13.08 -8.87 -12.00
C GLU A 167 -12.91 -8.48 -13.47
N MET A 168 -13.00 -7.18 -13.73
CA MET A 168 -12.77 -6.63 -15.07
C MET A 168 -11.40 -7.02 -15.63
N ILE A 169 -10.37 -6.96 -14.79
CA ILE A 169 -9.02 -7.33 -15.20
C ILE A 169 -8.89 -8.84 -15.32
N LEU A 170 -9.54 -9.57 -14.42
CA LEU A 170 -9.46 -11.02 -14.44
C LEU A 170 -10.14 -11.59 -15.68
N ASN A 171 -11.08 -10.82 -16.24
CA ASN A 171 -11.81 -11.23 -17.44
C ASN A 171 -11.32 -10.51 -18.70
N LYS A 172 -10.13 -9.92 -18.65
CA LYS A 172 -9.56 -9.29 -19.84
C LYS A 172 -9.25 -10.37 -20.87
N PRO A 173 -9.73 -10.18 -22.11
CA PRO A 173 -9.40 -11.13 -23.17
C PRO A 173 -7.90 -11.16 -23.42
N GLY A 174 -7.31 -12.36 -23.34
CA GLY A 174 -5.88 -12.50 -23.60
C GLY A 174 -5.00 -12.07 -22.44
N LEU A 175 -5.59 -12.02 -21.24
CA LEU A 175 -4.86 -11.71 -20.01
C LEU A 175 -3.57 -12.54 -19.92
N LYS A 176 -2.45 -11.87 -19.70
CA LYS A 176 -1.18 -12.57 -19.50
C LYS A 176 -0.81 -12.70 -18.02
N TYR A 177 -1.00 -11.62 -17.25
CA TYR A 177 -0.61 -11.58 -15.84
C TYR A 177 -1.75 -11.08 -14.93
N LYS A 178 -2.10 -11.90 -13.95
CA LYS A 178 -3.11 -11.51 -12.96
C LYS A 178 -2.50 -10.50 -11.98
N PRO A 179 -3.34 -9.64 -11.36
CA PRO A 179 -2.83 -8.79 -10.27
C PRO A 179 -2.29 -9.64 -9.13
N ALA A 180 -1.05 -9.38 -8.73
CA ALA A 180 -0.44 -10.11 -7.62
C ALA A 180 -0.95 -9.61 -6.26
N VAL A 181 -1.17 -8.29 -6.14
CA VAL A 181 -1.72 -7.71 -4.91
C VAL A 181 -2.71 -6.59 -5.18
N ASN A 182 -3.64 -6.40 -4.25
CA ASN A 182 -4.48 -5.21 -4.17
C ASN A 182 -4.23 -4.49 -2.84
N GLN A 183 -3.67 -3.28 -2.91
CA GLN A 183 -3.36 -2.50 -1.71
C GLN A 183 -4.54 -1.59 -1.35
N ILE A 184 -5.09 -1.78 -0.15
CA ILE A 184 -6.30 -1.07 0.25
C ILE A 184 -6.21 -0.51 1.68
N GLU A 185 -7.08 0.45 1.97
CA GLU A 185 -7.24 0.98 3.32
C GLU A 185 -7.88 -0.09 4.21
N CYS A 186 -7.26 -0.37 5.36
CA CYS A 186 -7.78 -1.41 6.26
C CYS A 186 -7.31 -1.20 7.70
N HIS A 187 -8.29 -1.00 8.57
CA HIS A 187 -8.03 -0.71 9.98
C HIS A 187 -9.28 -1.13 10.79
N PRO A 188 -9.24 -1.04 12.13
CA PRO A 188 -10.39 -1.53 12.89
C PRO A 188 -11.76 -0.93 12.56
N TYR A 189 -11.77 0.28 12.01
CA TYR A 189 -13.04 0.94 11.64
C TYR A 189 -13.50 0.62 10.21
N LEU A 190 -12.63 0.00 9.42
CA LEU A 190 -12.94 -0.41 8.05
C LEU A 190 -12.26 -1.75 7.78
N THR A 191 -12.91 -2.83 8.23
CA THR A 191 -12.27 -4.14 8.27
C THR A 191 -12.26 -4.87 6.92
N GLN A 192 -12.99 -4.34 5.93
CA GLN A 192 -12.89 -4.82 4.54
C GLN A 192 -13.05 -6.33 4.39
N GLU A 193 -13.98 -6.93 5.13
CA GLU A 193 -14.11 -8.38 5.15
C GLU A 193 -14.49 -8.97 3.78
N LYS A 194 -15.40 -8.30 3.08
CA LYS A 194 -15.88 -8.78 1.79
C LYS A 194 -14.83 -8.69 0.70
N LEU A 195 -14.17 -7.54 0.60
CA LEU A 195 -13.15 -7.34 -0.43
C LEU A 195 -11.94 -8.25 -0.24
N ILE A 196 -11.52 -8.47 1.00
CA ILE A 196 -10.36 -9.35 1.21
C ILE A 196 -10.73 -10.82 1.02
N GLN A 197 -11.97 -11.19 1.29
CA GLN A 197 -12.43 -12.56 1.04
C GLN A 197 -12.43 -12.82 -0.47
N TYR A 198 -12.95 -11.86 -1.24
CA TYR A 198 -12.94 -11.91 -2.69
C TYR A 198 -11.50 -12.06 -3.22
N CYS A 199 -10.62 -11.17 -2.78
CA CYS A 199 -9.25 -11.16 -3.30
C CYS A 199 -8.48 -12.44 -2.97
N GLN A 200 -8.58 -12.88 -1.72
CA GLN A 200 -7.81 -14.04 -1.28
C GLN A 200 -8.28 -15.31 -1.99
N SER A 201 -9.56 -15.37 -2.31
CA SER A 201 -10.11 -16.50 -3.04
C SER A 201 -9.63 -16.54 -4.50
N LYS A 202 -9.21 -15.39 -5.02
CA LYS A 202 -8.68 -15.32 -6.37
C LYS A 202 -7.16 -15.42 -6.41
N GLY A 203 -6.54 -15.66 -5.26
CA GLY A 203 -5.09 -15.75 -5.19
C GLY A 203 -4.38 -14.41 -5.19
N ILE A 204 -5.12 -13.34 -4.88
CA ILE A 204 -4.56 -12.00 -4.80
C ILE A 204 -4.27 -11.61 -3.33
N VAL A 205 -3.01 -11.28 -3.06
CA VAL A 205 -2.58 -10.89 -1.72
C VAL A 205 -3.03 -9.47 -1.40
N VAL A 206 -3.61 -9.26 -0.22
CA VAL A 206 -4.07 -7.93 0.17
C VAL A 206 -3.07 -7.21 1.08
N THR A 207 -2.74 -5.98 0.75
CA THR A 207 -1.89 -5.13 1.57
C THR A 207 -2.74 -4.03 2.20
N ALA A 208 -2.72 -3.97 3.53
CA ALA A 208 -3.39 -2.90 4.30
C ALA A 208 -2.50 -1.66 4.47
N TYR A 209 -3.03 -0.49 4.15
CA TYR A 209 -2.40 0.74 4.60
C TYR A 209 -3.32 1.51 5.57
N SER A 210 -2.77 2.50 6.27
CA SER A 210 -3.43 3.20 7.38
C SER A 210 -4.04 2.27 8.42
N PRO A 211 -3.25 1.36 8.98
CA PRO A 211 -3.81 0.36 9.89
C PRO A 211 -4.30 0.91 11.24
N LEU A 212 -3.99 2.17 11.53
CA LEU A 212 -4.50 2.82 12.75
C LEU A 212 -5.61 3.81 12.46
N GLY A 213 -6.12 3.79 11.23
CA GLY A 213 -7.15 4.74 10.85
C GLY A 213 -6.69 6.19 10.87
N SER A 214 -7.64 7.09 11.11
CA SER A 214 -7.35 8.51 11.26
C SER A 214 -7.77 8.93 12.65
N PRO A 215 -7.03 9.89 13.27
CA PRO A 215 -7.34 10.33 14.63
C PRO A 215 -8.65 11.13 14.71
N ASP A 216 -9.03 11.74 13.60
CA ASP A 216 -10.19 12.63 13.55
C ASP A 216 -11.47 11.90 13.13
N ARG A 217 -12.17 11.34 14.10
CA ARG A 217 -13.38 10.57 13.84
C ARG A 217 -14.62 11.44 13.96
N PRO A 218 -15.53 11.34 12.98
CA PRO A 218 -16.70 12.23 12.89
C PRO A 218 -17.74 12.00 13.98
N TRP A 219 -17.73 10.80 14.57
CA TRP A 219 -18.68 10.45 15.62
C TRP A 219 -18.16 10.77 17.03
N ALA A 220 -16.84 10.97 17.14
CA ALA A 220 -16.19 11.05 18.45
C ALA A 220 -16.13 12.46 19.02
N LYS A 221 -16.28 12.55 20.34
CA LYS A 221 -16.05 13.80 21.06
C LYS A 221 -14.56 13.97 21.32
N PRO A 222 -14.09 15.21 21.50
CA PRO A 222 -12.64 15.40 21.71
C PRO A 222 -12.07 14.70 22.95
N GLU A 223 -12.94 14.25 23.85
CA GLU A 223 -12.51 13.57 25.07
C GLU A 223 -12.51 12.06 24.92
N ASP A 224 -13.13 11.57 23.84
CA ASP A 224 -13.19 10.14 23.58
C ASP A 224 -11.80 9.59 23.30
N PRO A 225 -11.44 8.48 23.97
CA PRO A 225 -10.10 7.91 23.79
C PRO A 225 -9.89 7.38 22.37
N SER A 226 -8.70 7.61 21.84
CA SER A 226 -8.33 7.11 20.52
C SER A 226 -8.25 5.58 20.53
N LEU A 227 -7.96 5.02 19.36
CA LEU A 227 -7.74 3.60 19.20
C LEU A 227 -6.57 3.14 20.07
N LEU A 228 -5.54 3.97 20.15
CA LEU A 228 -4.31 3.65 20.90
C LEU A 228 -4.52 3.65 22.41
N GLU A 229 -5.59 4.31 22.86
CA GLU A 229 -5.88 4.40 24.29
C GLU A 229 -7.23 3.79 24.64
N ASP A 230 -7.84 3.11 23.68
CA ASP A 230 -9.10 2.42 23.91
C ASP A 230 -8.89 1.33 24.96
N PRO A 231 -9.79 1.24 25.94
CA PRO A 231 -9.53 0.38 27.10
C PRO A 231 -9.44 -1.10 26.74
N ARG A 232 -10.28 -1.55 25.82
CA ARG A 232 -10.29 -2.96 25.44
C ARG A 232 -9.03 -3.35 24.67
N ILE A 233 -8.52 -2.42 23.87
CA ILE A 233 -7.30 -2.65 23.12
C ILE A 233 -6.09 -2.57 24.04
N LYS A 234 -6.15 -1.69 25.02
CA LYS A 234 -5.13 -1.61 26.06
C LYS A 234 -5.05 -2.91 26.85
N ALA A 235 -6.21 -3.51 27.10
CA ALA A 235 -6.26 -4.77 27.83
C ALA A 235 -5.59 -5.90 27.03
N ILE A 236 -5.86 -5.94 25.73
CA ILE A 236 -5.22 -6.91 24.85
C ILE A 236 -3.72 -6.69 24.82
N ALA A 237 -3.29 -5.43 24.73
CA ALA A 237 -1.88 -5.09 24.73
C ALA A 237 -1.20 -5.53 26.03
N ALA A 238 -1.88 -5.27 27.15
CA ALA A 238 -1.36 -5.63 28.48
C ALA A 238 -1.18 -7.13 28.59
N LYS A 239 -2.17 -7.87 28.10
CA LYS A 239 -2.14 -9.33 28.09
C LYS A 239 -0.90 -9.89 27.39
N HIS A 240 -0.43 -9.21 26.36
CA HIS A 240 0.68 -9.70 25.53
C HIS A 240 1.99 -8.97 25.81
N ASN A 241 1.99 -8.08 26.79
CA ASN A 241 3.16 -7.25 27.08
C ASN A 241 3.64 -6.50 25.84
N LYS A 242 2.68 -5.95 25.11
CA LYS A 242 2.94 -5.20 23.89
C LYS A 242 2.31 -3.82 23.99
N THR A 243 2.70 -2.91 23.11
CA THR A 243 2.00 -1.64 22.98
C THR A 243 0.74 -1.79 22.12
N THR A 244 -0.16 -0.83 22.21
CA THR A 244 -1.40 -0.89 21.47
C THR A 244 -1.15 -0.70 19.97
N ALA A 245 -0.13 0.06 19.61
CA ALA A 245 0.25 0.21 18.21
C ALA A 245 0.70 -1.13 17.64
N GLN A 246 1.48 -1.87 18.43
CA GLN A 246 1.97 -3.18 18.05
C GLN A 246 0.84 -4.21 17.91
N VAL A 247 -0.16 -4.12 18.77
CA VAL A 247 -1.34 -4.96 18.65
C VAL A 247 -2.08 -4.68 17.34
N LEU A 248 -2.17 -3.41 16.96
CA LEU A 248 -2.94 -3.02 15.78
C LEU A 248 -2.22 -3.26 14.46
N ILE A 249 -0.89 -3.38 14.51
CA ILE A 249 -0.10 -3.80 13.36
C ILE A 249 -0.19 -5.32 13.17
N ARG A 250 -0.20 -6.05 14.28
CA ARG A 250 -0.30 -7.51 14.25
C ARG A 250 -1.67 -7.98 13.79
N PHE A 251 -2.69 -7.18 14.07
CA PHE A 251 -4.06 -7.47 13.68
C PHE A 251 -4.22 -7.84 12.19
N PRO A 252 -3.81 -6.96 11.25
CA PRO A 252 -3.87 -7.38 9.84
C PRO A 252 -2.98 -8.57 9.49
N MET A 253 -1.79 -8.65 10.08
CA MET A 253 -0.89 -9.76 9.81
C MET A 253 -1.54 -11.11 10.02
N GLN A 254 -2.41 -11.19 11.02
CA GLN A 254 -3.03 -12.46 11.36
C GLN A 254 -4.27 -12.75 10.57
N ARG A 255 -4.64 -11.82 9.70
CA ARG A 255 -5.65 -12.06 8.68
C ARG A 255 -4.97 -12.44 7.36
N ASN A 256 -3.67 -12.72 7.43
CA ASN A 256 -2.84 -12.97 6.26
C ASN A 256 -2.83 -11.81 5.27
N LEU A 257 -2.65 -10.61 5.82
CA LEU A 257 -2.53 -9.38 5.04
C LEU A 257 -1.11 -8.87 5.21
N VAL A 258 -0.57 -8.21 4.19
CA VAL A 258 0.64 -7.41 4.34
C VAL A 258 0.23 -6.05 4.90
N VAL A 259 1.08 -5.45 5.72
CA VAL A 259 0.71 -4.20 6.38
C VAL A 259 1.79 -3.13 6.25
N ILE A 260 1.38 -1.94 5.78
CA ILE A 260 2.24 -0.77 5.68
C ILE A 260 1.81 0.26 6.74
N PRO A 261 2.50 0.32 7.88
CA PRO A 261 2.19 1.37 8.88
C PRO A 261 2.64 2.77 8.45
N LYS A 262 1.99 3.80 8.98
CA LYS A 262 2.55 5.16 8.91
C LYS A 262 3.85 5.17 9.69
N SER A 263 4.94 5.51 9.02
CA SER A 263 6.28 5.33 9.58
C SER A 263 7.03 6.65 9.58
N VAL A 264 6.40 7.70 10.11
CA VAL A 264 6.96 9.04 9.98
C VAL A 264 7.87 9.52 11.10
N THR A 265 8.09 8.67 12.11
CA THR A 265 9.03 8.99 13.18
C THR A 265 9.99 7.82 13.42
N PRO A 266 11.21 8.11 13.91
CA PRO A 266 12.17 7.04 14.21
C PRO A 266 11.65 6.09 15.26
N GLU A 267 10.86 6.62 16.19
CA GLU A 267 10.27 5.81 17.24
C GLU A 267 9.30 4.80 16.65
N ALA A 268 8.45 5.25 15.74
CA ALA A 268 7.43 4.40 15.14
C ALA A 268 8.07 3.27 14.34
N ILE A 269 9.15 3.59 13.63
CA ILE A 269 9.87 2.61 12.82
C ILE A 269 10.41 1.48 13.68
N ALA A 270 10.97 1.83 14.83
CA ALA A 270 11.50 0.84 15.76
C ALA A 270 10.39 0.06 16.44
N GLU A 271 9.36 0.78 16.89
CA GLU A 271 8.24 0.16 17.60
C GLU A 271 7.47 -0.81 16.71
N ASN A 272 7.16 -0.39 15.49
CA ASN A 272 6.34 -1.16 14.56
C ASN A 272 6.96 -2.48 14.09
N PHE A 273 8.28 -2.63 14.26
CA PHE A 273 8.97 -3.84 13.83
C PHE A 273 8.84 -4.98 14.83
N LYS A 274 8.56 -4.65 16.09
CA LYS A 274 8.48 -5.66 17.14
C LYS A 274 7.10 -6.33 17.19
N VAL A 275 6.71 -6.93 16.07
CA VAL A 275 5.39 -7.56 15.97
C VAL A 275 5.42 -9.05 15.62
N PHE A 276 6.60 -9.66 15.68
CA PHE A 276 6.78 -11.02 15.21
C PHE A 276 6.89 -12.05 16.32
N ASP A 277 7.05 -11.58 17.56
CA ASP A 277 7.24 -12.48 18.70
C ASP A 277 6.01 -12.75 19.56
N PHE A 278 4.82 -12.46 19.02
CA PHE A 278 3.58 -12.83 19.70
C PHE A 278 2.47 -13.10 18.70
N GLU A 279 1.39 -13.72 19.19
CA GLU A 279 0.21 -13.94 18.38
C GLU A 279 -1.01 -13.53 19.18
N LEU A 280 -1.93 -12.82 18.52
CA LEU A 280 -3.23 -12.52 19.10
C LEU A 280 -4.09 -13.77 19.12
N SER A 281 -4.90 -13.93 20.15
CA SER A 281 -5.79 -15.09 20.24
C SER A 281 -7.06 -14.90 19.44
N SER A 282 -7.86 -15.96 19.36
CA SER A 282 -9.15 -15.92 18.69
C SER A 282 -10.04 -14.83 19.29
N GLN A 283 -10.06 -14.75 20.62
CA GLN A 283 -10.88 -13.76 21.32
C GLN A 283 -10.41 -12.34 21.02
N ASP A 284 -9.10 -12.14 21.03
CA ASP A 284 -8.51 -10.86 20.63
C ASP A 284 -8.97 -10.43 19.24
N MET A 285 -8.92 -11.37 18.29
CA MET A 285 -9.26 -11.10 16.89
C MET A 285 -10.72 -10.75 16.71
N THR A 286 -11.60 -11.43 17.43
CA THR A 286 -13.03 -11.14 17.37
C THR A 286 -13.33 -9.76 17.95
N THR A 287 -12.62 -9.41 19.02
CA THR A 287 -12.76 -8.09 19.63
C THR A 287 -12.30 -6.99 18.67
N LEU A 288 -11.11 -7.16 18.10
CA LEU A 288 -10.57 -6.15 17.19
C LEU A 288 -11.41 -6.01 15.93
N LEU A 289 -12.00 -7.12 15.48
CA LEU A 289 -12.86 -7.15 14.31
C LEU A 289 -14.21 -6.46 14.58
N SER A 290 -14.59 -6.36 15.85
CA SER A 290 -15.89 -5.81 16.24
C SER A 290 -15.97 -4.27 16.20
N TYR A 291 -14.83 -3.61 15.99
CA TYR A 291 -14.81 -2.14 15.89
C TYR A 291 -15.31 -1.59 14.55
N ASN A 292 -15.59 -2.46 13.59
CA ASN A 292 -15.90 -2.01 12.23
C ASN A 292 -17.10 -1.08 12.17
N ARG A 293 -16.96 -0.01 11.41
CA ARG A 293 -18.03 0.95 11.19
C ARG A 293 -18.11 1.28 9.70
N ASN A 294 -17.37 0.53 8.90
CA ASN A 294 -17.21 0.82 7.48
C ASN A 294 -16.94 2.30 7.25
N TRP A 295 -15.99 2.85 8.00
CA TRP A 295 -15.59 4.25 7.89
C TRP A 295 -14.31 4.39 7.06
N ARG A 296 -14.45 5.01 5.89
CA ARG A 296 -13.35 5.17 4.95
C ARG A 296 -12.77 6.57 5.10
N VAL A 297 -11.45 6.64 5.29
CA VAL A 297 -10.76 7.89 5.49
C VAL A 297 -10.21 8.44 4.18
N CYS A 298 -9.63 7.56 3.37
CA CYS A 298 -9.03 7.97 2.09
C CYS A 298 -10.02 7.70 0.96
N ALA A 299 -10.92 8.66 0.74
CA ALA A 299 -12.04 8.45 -0.15
C ALA A 299 -11.91 9.16 -1.48
N LEU A 300 -10.79 9.86 -1.69
CA LEU A 300 -10.53 10.59 -2.93
C LEU A 300 -11.78 11.32 -3.43
N LEU A 301 -12.29 12.23 -2.60
CA LEU A 301 -13.59 12.85 -2.82
C LEU A 301 -13.62 13.76 -4.03
N SER A 302 -12.46 14.26 -4.42
CA SER A 302 -12.35 15.14 -5.58
C SER A 302 -12.74 14.44 -6.88
N CYS A 303 -12.84 13.11 -6.84
CA CYS A 303 -13.05 12.33 -8.06
C CYS A 303 -14.30 11.47 -8.04
N THR A 304 -15.30 11.86 -7.25
CA THR A 304 -16.51 11.05 -7.08
C THR A 304 -17.31 10.91 -8.36
N SER A 305 -17.16 11.87 -9.28
CA SER A 305 -17.88 11.83 -10.54
C SER A 305 -17.08 11.19 -11.69
N HIS A 306 -15.90 10.67 -11.37
CA HIS A 306 -15.08 9.95 -12.34
C HIS A 306 -15.70 8.57 -12.63
N LYS A 307 -15.73 8.18 -13.90
CA LYS A 307 -16.34 6.91 -14.29
C LYS A 307 -15.73 5.70 -13.58
N ASP A 308 -14.44 5.77 -13.25
CA ASP A 308 -13.77 4.65 -12.59
C ASP A 308 -13.56 4.85 -11.09
N TYR A 309 -14.37 5.73 -10.50
CA TYR A 309 -14.34 5.96 -9.05
C TYR A 309 -14.75 4.69 -8.31
N PRO A 310 -13.89 4.20 -7.39
CA PRO A 310 -14.03 2.83 -6.89
C PRO A 310 -15.05 2.65 -5.78
N PHE A 311 -15.41 3.75 -5.13
CA PHE A 311 -16.07 3.65 -3.81
C PHE A 311 -17.57 3.92 -3.82
N HIS A 312 -18.21 3.90 -4.98
CA HIS A 312 -19.67 3.89 -5.04
C HIS A 312 -20.20 2.49 -4.77
N GLU A 313 -19.42 1.49 -5.20
CA GLU A 313 -19.76 0.09 -4.94
C GLU A 313 -19.65 -0.22 -3.45
N GLU A 314 -20.33 -1.28 -3.02
CA GLU A 314 -20.26 -1.72 -1.63
C GLU A 314 -18.85 -2.23 -1.32
N PHE A 315 -18.34 -3.10 -2.19
CA PHE A 315 -16.95 -3.54 -2.10
C PHE A 315 -16.36 -3.84 -3.48
#